data_1RJL
#
_entry.id   1RJL
#
_cell.length_a   186.286
_cell.length_b   37.271
_cell.length_c   87.939
_cell.angle_alpha   90.00
_cell.angle_beta   90.66
_cell.angle_gamma   90.00
#
_symmetry.space_group_name_H-M   'C 1 2 1'
#
loop_
_entity.id
_entity.type
_entity.pdbx_description
1 polymer 'Fab H6831 L-chain'
2 polymer 'Fab H6831 H-chain'
3 polymer 'Outer surface protein B'
4 polymer 'Outer surface protein B'
5 water water
#
loop_
_entity_poly.entity_id
_entity_poly.type
_entity_poly.pdbx_seq_one_letter_code
_entity_poly.pdbx_strand_id
1 'polypeptide(L)'
;DIQMNQSPSSLSASLGDTITITCHASQNINVWLNWFQQKPGSIPKLLIYMASNLHTGVPSRFSGSGSGTGFTLTISSLQP
EDIATYYCQQGQSFPLTFGGGTKLEIKRADAAPTVSIFPPSSEQLTSGGASVVCFLNNFYPKDINVKWKIDGSERQNGVL
NSWTDQDSKDSTYSMSSTLTLTKDEYERHNSYTCEATHKTSTSPIVKSFNRN
;
A
2 'polypeptide(L)'
;QVQLQQPGSVLVRPGASVKLSCKASGFTFTSSWMHWAKQRPGQGLEWIGEIHPNSGNTHYNEKFKGKATLTVDTSSSTAY
VDLSSLTSEDSAVYYCARMRYGDYYAMDNWGQGTSVTVSSAKTTAPPVYPLAPVCGDTTGSSVTLGCLVKGYFPESVTLL
WNSGSLSSGVHTFPAVLQSDLYTLSSSVTVTSSTWPSQSITCNVAHPASSTKVDKKIEPRG
;
B
3 'polypeptide(L)'
;TVEIKEGTVTLKREIEKDGKVKVFLNDTAGSNKKTGKWEDSTSTLTISADSKKTKDLVFLTDGTITVQQYNTAGTSLEGS
ASEIKNLSELKNALK
;
C
4 'polypeptide(L)' (UNK)(UNK)(UNK)(UNK)(UNK) D
#
# COMPACT_ATOMS: atom_id res chain seq x y z
N ASP A 1 22.33 4.23 -8.67
CA ASP A 1 21.29 3.79 -7.68
C ASP A 1 20.81 5.01 -6.89
N ILE A 2 19.81 5.70 -7.43
CA ILE A 2 19.25 6.92 -6.85
C ILE A 2 18.54 6.83 -5.51
N GLN A 3 18.97 7.67 -4.59
CA GLN A 3 18.39 7.74 -3.27
C GLN A 3 17.45 8.95 -3.30
N MET A 4 16.27 8.80 -2.69
CA MET A 4 15.29 9.88 -2.66
C MET A 4 15.03 10.26 -1.21
N ASN A 5 15.05 11.54 -0.91
CA ASN A 5 14.79 12.00 0.45
C ASN A 5 13.62 12.96 0.47
N GLN A 6 12.72 12.78 1.42
CA GLN A 6 11.55 13.63 1.52
C GLN A 6 11.59 14.46 2.77
N SER A 7 11.00 15.64 2.68
CA SER A 7 10.96 16.54 3.81
C SER A 7 9.71 17.42 3.68
N PRO A 8 8.94 17.58 4.77
CA PRO A 8 9.19 16.95 6.08
C PRO A 8 8.93 15.44 6.03
N SER A 9 9.19 14.79 7.16
CA SER A 9 9.01 13.36 7.25
C SER A 9 7.57 13.10 7.69
N SER A 10 6.98 14.11 8.33
CA SER A 10 5.59 14.08 8.77
C SER A 10 5.17 15.53 9.02
N LEU A 11 3.86 15.80 9.03
CA LEU A 11 3.39 17.17 9.28
C LEU A 11 1.94 17.28 9.72
N SER A 12 1.65 18.32 10.52
CA SER A 12 0.30 18.58 11.00
C SER A 12 -0.15 19.88 10.39
N ALA A 13 -1.34 19.88 9.79
CA ALA A 13 -1.87 21.08 9.18
C ALA A 13 -3.38 21.17 9.38
N SER A 14 -3.89 22.39 9.36
CA SER A 14 -5.31 22.65 9.55
C SER A 14 -6.08 22.56 8.23
N LEU A 15 -7.36 22.19 8.32
CA LEU A 15 -8.22 22.12 7.15
C LEU A 15 -8.21 23.48 6.45
N GLY A 16 -8.12 23.46 5.12
CA GLY A 16 -8.10 24.71 4.38
C GLY A 16 -6.70 25.24 4.13
N ASP A 17 -5.73 24.73 4.88
CA ASP A 17 -4.35 25.15 4.73
C ASP A 17 -3.79 24.71 3.39
N THR A 18 -2.61 25.22 3.09
CA THR A 18 -1.91 24.85 1.88
C THR A 18 -0.59 24.30 2.39
N ILE A 19 -0.29 23.06 2.04
CA ILE A 19 0.95 22.45 2.48
C ILE A 19 1.85 22.17 1.31
N THR A 20 3.12 21.97 1.63
CA THR A 20 4.15 21.67 0.67
C THR A 20 4.96 20.43 1.12
N ILE A 21 5.31 19.58 0.16
CA ILE A 21 6.09 18.36 0.41
C ILE A 21 7.19 18.34 -0.65
N THR A 22 8.45 18.29 -0.19
CA THR A 22 9.57 18.31 -1.12
C THR A 22 10.38 17.02 -1.17
N CYS A 23 10.82 16.69 -2.36
CA CYS A 23 11.58 15.47 -2.57
C CYS A 23 12.88 15.79 -3.32
N HIS A 24 14.00 15.26 -2.84
CA HIS A 24 15.30 15.50 -3.44
C HIS A 24 16.00 14.18 -3.80
N ALA A 25 16.64 14.16 -4.96
CA ALA A 25 17.33 12.96 -5.45
C ALA A 25 18.85 13.07 -5.49
N SER A 26 19.53 11.94 -5.35
CA SER A 26 20.99 11.83 -5.34
C SER A 26 21.62 12.41 -6.60
N GLN A 27 20.94 12.26 -7.72
CA GLN A 27 21.47 12.77 -8.96
C GLN A 27 20.37 13.26 -9.87
N ASN A 28 20.75 14.05 -10.86
CA ASN A 28 19.82 14.61 -11.82
C ASN A 28 18.96 13.50 -12.43
N ILE A 29 17.64 13.67 -12.39
CA ILE A 29 16.72 12.68 -12.95
C ILE A 29 15.79 13.35 -13.93
N ASN A 30 15.75 13.95 -15.11
CA ASN A 30 15.36 15.34 -15.24
C ASN A 30 13.93 15.62 -14.77
N VAL A 31 12.96 15.00 -15.43
CA VAL A 31 11.57 15.21 -15.08
C VAL A 31 10.87 13.87 -14.82
N TRP A 32 11.65 12.80 -14.72
CA TRP A 32 11.11 11.46 -14.49
C TRP A 32 10.78 11.19 -13.02
N LEU A 33 9.75 11.86 -12.52
CA LEU A 33 9.38 11.68 -11.13
C LEU A 33 7.87 11.58 -10.95
N ASN A 34 7.44 10.69 -10.08
CA ASN A 34 6.01 10.51 -9.82
C ASN A 34 5.64 10.70 -8.35
N TRP A 35 4.37 11.00 -8.10
CA TRP A 35 3.88 11.17 -6.74
C TRP A 35 2.73 10.20 -6.53
N PHE A 36 2.77 9.49 -5.41
CA PHE A 36 1.73 8.53 -5.06
C PHE A 36 1.10 8.87 -3.72
N GLN A 37 -0.16 8.48 -3.55
CA GLN A 37 -0.86 8.68 -2.31
C GLN A 37 -1.35 7.34 -1.77
N GLN A 38 -1.16 7.09 -0.49
CA GLN A 38 -1.62 5.83 0.08
C GLN A 38 -2.32 6.06 1.41
N LYS A 39 -3.61 5.75 1.46
CA LYS A 39 -4.35 5.92 2.70
C LYS A 39 -4.14 4.64 3.51
N PRO A 40 -4.23 4.74 4.85
CA PRO A 40 -4.05 3.62 5.78
C PRO A 40 -4.73 2.33 5.35
N GLY A 41 -3.93 1.29 5.18
CA GLY A 41 -4.47 0.00 4.79
C GLY A 41 -5.13 -0.02 3.43
N SER A 42 -4.61 0.78 2.50
CA SER A 42 -5.17 0.83 1.15
C SER A 42 -4.03 0.70 0.12
N ILE A 43 -4.36 0.81 -1.16
CA ILE A 43 -3.32 0.68 -2.18
C ILE A 43 -2.78 2.04 -2.66
N PRO A 44 -1.56 2.04 -3.24
CA PRO A 44 -0.97 3.27 -3.75
C PRO A 44 -1.83 3.82 -4.88
N LYS A 45 -1.86 5.14 -5.05
CA LYS A 45 -2.65 5.74 -6.12
C LYS A 45 -1.86 6.81 -6.87
N LEU A 46 -1.81 6.71 -8.17
CA LEU A 46 -1.06 7.69 -8.96
C LEU A 46 -1.69 9.09 -8.89
N LEU A 47 -0.89 10.09 -8.51
CA LEU A 47 -1.35 11.48 -8.41
C LEU A 47 -0.77 12.31 -9.56
N ILE A 48 0.55 12.33 -9.66
CA ILE A 48 1.25 13.11 -10.66
C ILE A 48 2.36 12.34 -11.39
N TYR A 49 2.40 12.47 -12.71
CA TYR A 49 3.43 11.82 -13.48
C TYR A 49 4.29 12.87 -14.21
N MET A 50 5.53 12.50 -14.49
CA MET A 50 6.47 13.39 -15.14
C MET A 50 6.51 14.75 -14.45
N ALA A 51 6.62 14.72 -13.12
CA ALA A 51 6.75 15.80 -12.14
C ALA A 51 5.74 16.93 -12.08
N SER A 52 4.92 17.12 -13.12
CA SER A 52 3.88 18.14 -13.01
C SER A 52 2.51 17.90 -13.64
N ASN A 53 2.29 16.73 -14.24
CA ASN A 53 1.00 16.44 -14.88
C ASN A 53 0.04 15.70 -13.96
N LEU A 54 -1.20 16.18 -13.90
CA LEU A 54 -2.23 15.57 -13.07
C LEU A 54 -2.76 14.30 -13.68
N HIS A 55 -3.04 13.30 -12.85
CA HIS A 55 -3.59 12.05 -13.37
C HIS A 55 -5.12 12.15 -13.29
N THR A 56 -5.80 11.70 -14.33
CA THR A 56 -7.25 11.77 -14.39
C THR A 56 -7.90 11.41 -13.05
N GLY A 57 -8.99 12.09 -12.71
CA GLY A 57 -9.70 11.84 -11.46
C GLY A 57 -9.14 12.57 -10.26
N VAL A 58 -7.99 13.22 -10.41
CA VAL A 58 -7.38 13.91 -9.30
C VAL A 58 -7.77 15.39 -9.22
N PRO A 59 -8.28 15.82 -8.06
CA PRO A 59 -8.69 17.21 -7.80
C PRO A 59 -7.59 18.14 -8.25
N SER A 60 -7.97 19.26 -8.86
CA SER A 60 -6.96 20.20 -9.34
C SER A 60 -6.27 20.95 -8.19
N ARG A 61 -6.64 20.67 -6.96
CA ARG A 61 -5.96 21.36 -5.87
C ARG A 61 -4.59 20.76 -5.58
N PHE A 62 -4.22 19.72 -6.35
CA PHE A 62 -2.92 19.05 -6.25
C PHE A 62 -2.09 19.54 -7.43
N SER A 63 -0.81 19.80 -7.21
CA SER A 63 0.09 20.21 -8.29
C SER A 63 1.53 19.93 -7.91
N GLY A 64 2.39 19.80 -8.92
CA GLY A 64 3.80 19.54 -8.67
C GLY A 64 4.69 20.36 -9.58
N SER A 65 5.93 20.55 -9.18
CA SER A 65 6.86 21.32 -10.00
C SER A 65 8.27 20.85 -9.73
N GLY A 66 9.22 21.35 -10.51
CA GLY A 66 10.61 21.01 -10.35
C GLY A 66 11.18 20.15 -11.46
N SER A 67 12.49 19.98 -11.42
CA SER A 67 13.25 19.16 -12.35
C SER A 67 14.68 19.09 -11.82
N GLY A 68 15.49 18.20 -12.36
CA GLY A 68 16.85 18.09 -11.87
C GLY A 68 16.92 17.22 -10.62
N THR A 69 17.08 17.86 -9.45
CA THR A 69 17.18 17.15 -8.18
C THR A 69 16.17 17.58 -7.11
N GLY A 70 15.26 18.48 -7.47
CA GLY A 70 14.27 18.94 -6.50
C GLY A 70 12.86 18.95 -7.05
N PHE A 71 11.92 18.41 -6.27
CA PHE A 71 10.54 18.37 -6.71
C PHE A 71 9.63 18.56 -5.53
N THR A 72 8.64 19.42 -5.70
CA THR A 72 7.71 19.67 -4.63
C THR A 72 6.25 19.45 -5.01
N LEU A 73 5.51 18.80 -4.12
CA LEU A 73 4.09 18.55 -4.32
C LEU A 73 3.34 19.62 -3.54
N THR A 74 2.37 20.28 -4.15
CA THR A 74 1.61 21.28 -3.43
C THR A 74 0.14 20.87 -3.29
N ILE A 75 -0.35 20.92 -2.06
CA ILE A 75 -1.75 20.58 -1.77
C ILE A 75 -2.43 21.80 -1.14
N SER A 76 -3.35 22.41 -1.89
CA SER A 76 -4.06 23.59 -1.38
C SER A 76 -5.46 23.25 -0.86
N SER A 77 -5.95 24.08 0.07
CA SER A 77 -7.28 23.90 0.63
C SER A 77 -7.45 22.45 1.12
N LEU A 78 -6.63 22.08 2.09
CA LEU A 78 -6.59 20.74 2.66
C LEU A 78 -7.96 20.20 3.09
N GLN A 79 -8.28 19.01 2.61
CA GLN A 79 -9.55 18.36 2.90
C GLN A 79 -9.34 17.14 3.81
N PRO A 80 -10.38 16.74 4.58
CA PRO A 80 -10.26 15.60 5.49
C PRO A 80 -9.89 14.28 4.82
N GLU A 81 -10.22 14.15 3.54
CA GLU A 81 -9.88 12.93 2.81
C GLU A 81 -8.41 12.94 2.35
N ASP A 82 -7.66 14.01 2.68
CA ASP A 82 -6.25 14.08 2.28
C ASP A 82 -5.32 13.37 3.28
N ILE A 83 -5.88 12.88 4.38
CA ILE A 83 -5.11 12.17 5.41
C ILE A 83 -4.52 10.91 4.79
N ALA A 84 -3.22 10.95 4.49
CA ALA A 84 -2.52 9.93 3.72
C ALA A 84 -1.01 9.94 3.98
N THR A 85 -0.32 8.98 3.38
CA THR A 85 1.13 9.00 3.32
C THR A 85 1.43 9.25 1.84
N TYR A 86 2.32 10.20 1.56
CA TYR A 86 2.66 10.52 0.17
C TYR A 86 4.09 10.10 -0.11
N TYR A 87 4.32 9.61 -1.34
CA TYR A 87 5.63 9.13 -1.76
C TYR A 87 6.02 9.66 -3.11
N CYS A 88 7.31 9.89 -3.32
CA CYS A 88 7.82 10.31 -4.61
C CYS A 88 8.61 9.10 -5.13
N GLN A 89 8.70 8.98 -6.45
CA GLN A 89 9.39 7.85 -7.06
C GLN A 89 10.05 8.25 -8.36
N GLN A 90 11.33 7.89 -8.52
CA GLN A 90 12.04 8.25 -9.73
C GLN A 90 12.05 7.10 -10.73
N GLY A 91 11.85 7.45 -12.00
CA GLY A 91 11.84 6.44 -13.03
C GLY A 91 12.93 6.72 -14.05
N GLN A 92 13.97 7.39 -13.58
CA GLN A 92 15.12 7.78 -14.40
C GLN A 92 15.90 6.55 -14.87
N SER A 93 16.15 5.62 -13.95
CA SER A 93 16.88 4.40 -14.29
C SER A 93 16.62 3.30 -13.27
N PHE A 94 16.74 2.05 -13.71
CA PHE A 94 16.54 0.92 -12.81
C PHE A 94 17.72 0.81 -11.86
N PRO A 95 17.47 0.37 -10.61
CA PRO A 95 16.13 0.01 -10.15
C PRO A 95 15.34 1.26 -9.76
N LEU A 96 14.01 1.20 -9.86
CA LEU A 96 13.16 2.32 -9.48
C LEU A 96 13.20 2.44 -7.96
N THR A 97 13.25 3.67 -7.46
CA THR A 97 13.28 3.89 -6.02
C THR A 97 12.28 4.93 -5.49
N PHE A 98 11.75 4.65 -4.30
CA PHE A 98 10.77 5.50 -3.65
C PHE A 98 11.40 6.27 -2.48
N GLY A 99 10.82 7.42 -2.15
CA GLY A 99 11.33 8.17 -1.02
C GLY A 99 10.75 7.55 0.24
N GLY A 100 11.24 7.96 1.40
CA GLY A 100 10.78 7.40 2.65
C GLY A 100 9.31 7.61 2.97
N GLY A 101 8.70 8.62 2.35
CA GLY A 101 7.29 8.90 2.59
C GLY A 101 7.03 10.02 3.60
N THR A 102 5.98 10.81 3.38
CA THR A 102 5.63 11.90 4.31
C THR A 102 4.22 11.64 4.84
N LYS A 103 4.10 11.45 6.15
CA LYS A 103 2.81 11.19 6.78
C LYS A 103 2.07 12.49 7.15
N LEU A 104 0.82 12.58 6.72
CA LEU A 104 -0.01 13.77 6.97
C LEU A 104 -1.07 13.59 8.04
N GLU A 105 -1.15 14.55 8.95
CA GLU A 105 -2.14 14.53 10.02
C GLU A 105 -2.90 15.86 10.03
N ILE A 106 -4.18 15.81 10.40
CA ILE A 106 -4.99 17.02 10.47
C ILE A 106 -4.93 17.51 11.90
N LYS A 107 -4.62 18.79 12.06
CA LYS A 107 -4.50 19.36 13.39
C LYS A 107 -5.82 19.91 13.90
N ARG A 108 -6.15 19.58 15.14
CA ARG A 108 -7.37 20.04 15.78
C ARG A 108 -7.10 20.39 17.24
N ALA A 109 -8.15 20.71 17.99
CA ALA A 109 -8.03 21.05 19.40
C ALA A 109 -7.99 19.80 20.25
N ASP A 110 -7.40 19.93 21.44
CA ASP A 110 -7.30 18.80 22.35
C ASP A 110 -8.67 18.31 22.76
N ALA A 111 -8.77 17.00 23.03
CA ALA A 111 -10.02 16.40 23.46
C ALA A 111 -9.74 15.21 24.38
N ALA A 112 -10.31 15.26 25.58
CA ALA A 112 -10.14 14.20 26.56
C ALA A 112 -10.77 12.93 26.05
N PRO A 113 -10.19 11.78 26.39
CA PRO A 113 -10.75 10.50 25.94
C PRO A 113 -11.94 10.08 26.80
N THR A 114 -12.83 9.31 26.20
CA THR A 114 -13.98 8.77 26.92
C THR A 114 -13.50 7.36 27.27
N VAL A 115 -13.36 7.09 28.56
CA VAL A 115 -12.87 5.80 29.03
C VAL A 115 -13.96 4.82 29.49
N SER A 116 -13.73 3.53 29.23
CA SER A 116 -14.64 2.45 29.61
C SER A 116 -13.80 1.23 30.03
N ILE A 117 -14.17 0.64 31.16
CA ILE A 117 -13.47 -0.53 31.68
C ILE A 117 -14.39 -1.75 31.66
N PHE A 118 -13.84 -2.90 31.28
CA PHE A 118 -14.62 -4.11 31.19
C PHE A 118 -14.01 -5.28 31.97
N PRO A 119 -14.78 -5.85 32.90
CA PRO A 119 -14.35 -6.99 33.73
C PRO A 119 -14.25 -8.22 32.84
N PRO A 120 -13.54 -9.26 33.30
CA PRO A 120 -13.43 -10.47 32.47
C PRO A 120 -14.82 -11.03 32.14
N SER A 121 -14.97 -11.63 30.97
CA SER A 121 -16.25 -12.21 30.58
C SER A 121 -16.41 -13.55 31.31
N SER A 122 -17.65 -13.88 31.66
CA SER A 122 -17.97 -15.14 32.34
C SER A 122 -17.31 -16.34 31.68
N GLU A 123 -17.35 -16.37 30.34
CA GLU A 123 -16.75 -17.46 29.58
C GLU A 123 -15.24 -17.58 29.74
N GLN A 124 -14.51 -16.48 29.59
CA GLN A 124 -13.06 -16.54 29.69
C GLN A 124 -12.57 -17.15 31.02
N LEU A 125 -13.34 -16.95 32.08
CA LEU A 125 -12.99 -17.47 33.40
C LEU A 125 -13.21 -18.99 33.46
N THR A 126 -14.05 -19.49 32.55
CA THR A 126 -14.34 -20.92 32.48
C THR A 126 -13.26 -21.66 31.70
N SER A 127 -12.11 -21.03 31.56
CA SER A 127 -11.02 -21.64 30.83
C SER A 127 -9.68 -21.28 31.47
N GLY A 128 -9.75 -20.71 32.68
CA GLY A 128 -8.55 -20.34 33.40
C GLY A 128 -7.99 -18.97 33.06
N GLY A 129 -8.57 -18.32 32.05
CA GLY A 129 -8.10 -17.01 31.66
C GLY A 129 -8.90 -15.85 32.20
N ALA A 130 -8.27 -14.67 32.24
CA ALA A 130 -8.92 -13.46 32.73
C ALA A 130 -8.31 -12.18 32.14
N SER A 131 -8.99 -11.57 31.19
CA SER A 131 -8.51 -10.34 30.58
C SER A 131 -9.37 -9.15 31.02
N VAL A 132 -8.71 -8.05 31.40
CA VAL A 132 -9.41 -6.84 31.78
C VAL A 132 -9.06 -5.84 30.67
N VAL A 133 -10.07 -5.30 29.99
CA VAL A 133 -9.81 -4.36 28.92
C VAL A 133 -10.35 -2.96 29.18
N CYS A 134 -9.63 -1.98 28.66
CA CYS A 134 -9.97 -0.58 28.84
C CYS A 134 -9.91 0.14 27.49
N PHE A 135 -11.03 0.72 27.07
CA PHE A 135 -11.07 1.46 25.80
C PHE A 135 -10.95 2.95 26.10
N LEU A 136 -10.19 3.68 25.29
CA LEU A 136 -10.05 5.13 25.45
C LEU A 136 -10.37 5.70 24.07
N ASN A 137 -11.59 6.20 23.91
CA ASN A 137 -12.03 6.72 22.61
C ASN A 137 -12.08 8.22 22.33
N ASN A 138 -11.95 8.54 21.04
CA ASN A 138 -12.01 9.91 20.52
C ASN A 138 -11.26 10.97 21.32
N PHE A 139 -9.95 10.95 21.27
CA PHE A 139 -9.14 11.92 22.00
C PHE A 139 -8.06 12.51 21.09
N TYR A 140 -7.43 13.59 21.54
CA TYR A 140 -6.40 14.26 20.75
C TYR A 140 -5.55 15.17 21.64
N PRO A 141 -4.23 15.21 21.41
CA PRO A 141 -3.46 14.49 20.39
C PRO A 141 -3.30 12.98 20.66
N LYS A 142 -2.51 12.31 19.82
CA LYS A 142 -2.28 10.87 19.93
C LYS A 142 -1.61 10.41 21.22
N ASP A 143 -0.56 11.13 21.64
CA ASP A 143 0.20 10.82 22.85
C ASP A 143 -0.63 10.62 24.10
N ILE A 144 -0.48 9.46 24.71
CA ILE A 144 -1.23 9.16 25.92
C ILE A 144 -0.63 7.94 26.60
N ASN A 145 -0.53 7.98 27.93
CA ASN A 145 0.02 6.84 28.65
C ASN A 145 -1.06 6.24 29.54
N VAL A 146 -1.18 4.91 29.49
CA VAL A 146 -2.15 4.17 30.28
C VAL A 146 -1.44 3.33 31.32
N LYS A 147 -1.98 3.32 32.54
CA LYS A 147 -1.39 2.58 33.63
C LYS A 147 -2.44 1.72 34.34
N TRP A 148 -2.07 0.49 34.68
CA TRP A 148 -2.99 -0.40 35.38
C TRP A 148 -2.61 -0.55 36.84
N LYS A 149 -3.60 -0.63 37.72
CA LYS A 149 -3.36 -0.80 39.15
C LYS A 149 -4.27 -1.84 39.76
N ILE A 150 -3.66 -2.87 40.36
CA ILE A 150 -4.43 -3.93 41.01
C ILE A 150 -4.32 -3.68 42.52
N ASP A 151 -5.42 -3.27 43.14
CA ASP A 151 -5.42 -2.98 44.57
C ASP A 151 -4.41 -1.89 44.85
N GLY A 152 -4.43 -0.84 44.02
CA GLY A 152 -3.51 0.28 44.21
C GLY A 152 -2.08 0.03 43.77
N SER A 153 -1.73 -1.22 43.53
CA SER A 153 -0.37 -1.54 43.11
C SER A 153 -0.29 -1.60 41.58
N GLU A 154 0.64 -0.85 40.99
CA GLU A 154 0.78 -0.82 39.54
C GLU A 154 1.16 -2.17 38.95
N ARG A 155 0.83 -2.38 37.69
CA ARG A 155 1.13 -3.63 37.01
C ARG A 155 1.72 -3.32 35.63
N GLN A 156 2.89 -3.88 35.34
CA GLN A 156 3.57 -3.62 34.07
C GLN A 156 3.40 -4.74 33.03
N ASN A 157 3.74 -5.96 33.43
CA ASN A 157 3.67 -7.13 32.55
C ASN A 157 2.24 -7.56 32.21
N GLY A 158 2.07 -8.12 31.02
CA GLY A 158 0.77 -8.59 30.57
C GLY A 158 -0.12 -7.56 29.87
N VAL A 159 0.38 -6.34 29.72
CA VAL A 159 -0.37 -5.26 29.09
C VAL A 159 -0.22 -5.18 27.57
N LEU A 160 -1.35 -5.15 26.88
CA LEU A 160 -1.38 -5.11 25.43
C LEU A 160 -2.10 -3.85 24.93
N ASN A 161 -1.36 -2.95 24.29
CA ASN A 161 -1.91 -1.69 23.78
C ASN A 161 -2.03 -1.62 22.26
N SER A 162 -3.10 -1.00 21.76
CA SER A 162 -3.31 -0.85 20.33
C SER A 162 -3.99 0.49 19.99
N TRP A 163 -3.55 1.12 18.90
CA TRP A 163 -4.07 2.40 18.44
C TRP A 163 -4.67 2.35 17.05
N THR A 164 -5.70 3.17 16.81
CA THR A 164 -6.27 3.24 15.48
C THR A 164 -5.58 4.42 14.81
N ASP A 165 -5.73 4.53 13.50
CA ASP A 165 -5.16 5.65 12.76
C ASP A 165 -6.09 6.84 13.00
N GLN A 166 -5.66 8.03 12.59
CA GLN A 166 -6.47 9.23 12.78
C GLN A 166 -7.80 9.11 12.01
N ASP A 167 -8.89 9.44 12.68
CA ASP A 167 -10.23 9.40 12.08
C ASP A 167 -10.41 10.63 11.19
N SER A 168 -10.83 10.42 9.95
CA SER A 168 -11.05 11.52 9.01
C SER A 168 -12.32 12.31 9.33
N LYS A 169 -13.20 11.74 10.16
CA LYS A 169 -14.45 12.40 10.53
C LYS A 169 -14.29 13.52 11.54
N ASP A 170 -13.61 13.24 12.65
CA ASP A 170 -13.43 14.24 13.69
C ASP A 170 -11.97 14.49 14.00
N SER A 171 -11.10 13.78 13.31
CA SER A 171 -9.67 13.91 13.49
C SER A 171 -9.15 13.42 14.86
N THR A 172 -9.88 12.50 15.49
CA THR A 172 -9.43 11.97 16.77
C THR A 172 -8.81 10.59 16.58
N TYR A 173 -8.27 10.07 17.69
CA TYR A 173 -7.64 8.74 17.75
C TYR A 173 -8.33 7.97 18.87
N SER A 174 -8.31 6.64 18.80
CA SER A 174 -8.87 5.82 19.87
C SER A 174 -7.81 4.80 20.27
N MET A 175 -7.93 4.25 21.47
CA MET A 175 -6.94 3.28 21.93
C MET A 175 -7.53 2.22 22.85
N SER A 176 -7.05 0.99 22.68
CA SER A 176 -7.48 -0.15 23.47
C SER A 176 -6.33 -0.71 24.29
N SER A 177 -6.59 -0.98 25.57
CA SER A 177 -5.57 -1.53 26.46
C SER A 177 -6.09 -2.77 27.18
N THR A 178 -5.44 -3.91 26.96
CA THR A 178 -5.86 -5.17 27.57
C THR A 178 -4.87 -5.81 28.55
N LEU A 179 -5.34 -6.05 29.78
CA LEU A 179 -4.53 -6.67 30.82
C LEU A 179 -4.93 -8.14 30.97
N THR A 180 -4.03 -9.05 30.62
CA THR A 180 -4.30 -10.48 30.72
C THR A 180 -3.59 -11.13 31.90
N LEU A 181 -4.35 -11.93 32.67
CA LEU A 181 -3.80 -12.63 33.81
C LEU A 181 -4.59 -13.92 34.05
N THR A 182 -4.06 -14.82 34.87
CA THR A 182 -4.72 -16.08 35.14
C THR A 182 -5.94 -15.91 36.05
N LYS A 183 -6.83 -16.90 36.05
CA LYS A 183 -8.03 -16.85 36.89
C LYS A 183 -7.68 -16.80 38.37
N ASP A 184 -6.60 -17.49 38.75
CA ASP A 184 -6.17 -17.50 40.15
C ASP A 184 -5.77 -16.08 40.55
N GLU A 185 -4.91 -15.47 39.72
CA GLU A 185 -4.45 -14.10 39.97
C GLU A 185 -5.63 -13.15 40.10
N TYR A 186 -6.54 -13.23 39.14
CA TYR A 186 -7.71 -12.37 39.12
C TYR A 186 -8.52 -12.49 40.42
N GLU A 187 -8.73 -13.73 40.87
CA GLU A 187 -9.48 -13.99 42.09
C GLU A 187 -8.67 -13.87 43.36
N ARG A 188 -7.53 -13.19 43.29
CA ARG A 188 -6.67 -13.00 44.45
C ARG A 188 -6.74 -11.54 44.89
N HIS A 189 -7.32 -10.69 44.04
CA HIS A 189 -7.47 -9.28 44.33
C HIS A 189 -8.90 -8.89 43.95
N ASN A 190 -9.30 -7.66 44.25
CA ASN A 190 -10.66 -7.27 43.91
C ASN A 190 -10.81 -5.92 43.22
N SER A 191 -9.83 -5.04 43.37
CA SER A 191 -9.89 -3.72 42.75
C SER A 191 -9.03 -3.60 41.48
N TYR A 192 -9.66 -3.24 40.37
CA TYR A 192 -8.96 -3.09 39.10
C TYR A 192 -9.13 -1.70 38.51
N THR A 193 -8.02 -0.99 38.35
CA THR A 193 -8.05 0.36 37.83
C THR A 193 -7.31 0.57 36.52
N CYS A 194 -7.81 1.54 35.76
CA CYS A 194 -7.24 1.91 34.47
C CYS A 194 -7.04 3.42 34.48
N GLU A 195 -5.81 3.88 34.68
CA GLU A 195 -5.56 5.32 34.70
C GLU A 195 -5.00 5.81 33.36
N ALA A 196 -5.43 7.00 32.95
CA ALA A 196 -4.96 7.59 31.70
C ALA A 196 -4.42 8.99 31.90
N THR A 197 -3.20 9.23 31.44
CA THR A 197 -2.57 10.54 31.56
C THR A 197 -2.55 11.21 30.20
N HIS A 198 -3.24 12.33 30.07
CA HIS A 198 -3.34 13.06 28.81
C HIS A 198 -3.11 14.56 29.01
N LYS A 199 -2.56 15.21 27.99
CA LYS A 199 -2.31 16.64 28.03
C LYS A 199 -3.52 17.44 28.52
N THR A 200 -4.71 16.87 28.36
CA THR A 200 -5.95 17.53 28.76
C THR A 200 -6.30 17.55 30.25
N SER A 201 -5.35 17.22 31.11
CA SER A 201 -5.63 17.24 32.54
C SER A 201 -4.38 16.95 33.35
N THR A 202 -4.20 17.69 34.44
CA THR A 202 -3.06 17.49 35.32
C THR A 202 -3.33 16.20 36.11
N SER A 203 -4.56 16.07 36.58
CA SER A 203 -4.96 14.88 37.32
C SER A 203 -5.34 13.81 36.29
N PRO A 204 -4.97 12.54 36.55
CA PRO A 204 -5.28 11.47 35.62
C PRO A 204 -6.75 11.06 35.63
N ILE A 205 -7.23 10.57 34.49
CA ILE A 205 -8.61 10.11 34.37
C ILE A 205 -8.63 8.67 34.87
N VAL A 206 -9.57 8.37 35.75
CA VAL A 206 -9.65 7.04 36.32
C VAL A 206 -10.99 6.36 36.23
N LYS A 207 -10.94 5.03 36.10
CA LYS A 207 -12.12 4.18 36.04
C LYS A 207 -11.73 2.78 36.51
N SER A 208 -12.47 2.27 37.48
CA SER A 208 -12.19 0.95 38.03
C SER A 208 -13.45 0.26 38.54
N PHE A 209 -13.29 -0.96 39.04
CA PHE A 209 -14.40 -1.74 39.55
C PHE A 209 -13.88 -2.76 40.56
N ASN A 210 -14.78 -3.46 41.25
CA ASN A 210 -14.40 -4.44 42.26
C ASN A 210 -14.87 -5.88 42.02
N ARG A 211 -16.07 -6.22 42.50
CA ARG A 211 -16.62 -7.56 42.33
C ARG A 211 -18.11 -7.61 42.61
N ASN A 212 -18.61 -6.52 43.20
CA ASN A 212 -20.02 -6.41 43.55
C ASN A 212 -20.76 -5.49 42.57
N GLN B 1 -12.65 -2.06 -17.76
CA GLN B 1 -11.66 -1.28 -16.96
C GLN B 1 -10.59 -2.18 -16.38
N VAL B 2 -9.34 -1.75 -16.52
CA VAL B 2 -8.18 -2.49 -16.05
C VAL B 2 -8.32 -3.02 -14.62
N GLN B 3 -8.16 -4.32 -14.46
CA GLN B 3 -8.25 -4.94 -13.14
C GLN B 3 -7.09 -5.88 -12.95
N LEU B 4 -6.61 -5.97 -11.71
CA LEU B 4 -5.51 -6.85 -11.37
C LEU B 4 -5.87 -7.60 -10.09
N GLN B 5 -6.14 -8.90 -10.25
CA GLN B 5 -6.53 -9.73 -9.12
C GLN B 5 -5.41 -10.50 -8.42
N GLN B 6 -5.33 -10.29 -7.12
CA GLN B 6 -4.34 -10.91 -6.25
C GLN B 6 -5.01 -11.52 -5.01
N PRO B 7 -4.51 -12.68 -4.54
CA PRO B 7 -5.10 -13.30 -3.35
C PRO B 7 -4.78 -12.44 -2.11
N GLY B 8 -5.68 -12.41 -1.14
CA GLY B 8 -5.47 -11.57 0.04
C GLY B 8 -4.29 -11.80 0.96
N SER B 9 -4.06 -13.06 1.32
CA SER B 9 -2.96 -13.39 2.22
C SER B 9 -2.61 -14.86 2.17
N VAL B 10 -1.34 -15.15 2.43
CA VAL B 10 -0.86 -16.52 2.40
C VAL B 10 0.13 -16.77 3.54
N LEU B 11 0.08 -17.99 4.08
CA LEU B 11 0.96 -18.39 5.16
C LEU B 11 1.95 -19.41 4.62
N VAL B 12 3.22 -19.27 4.99
CA VAL B 12 4.24 -20.19 4.50
C VAL B 12 5.37 -20.37 5.53
N ARG B 13 5.88 -21.59 5.62
CA ARG B 13 6.94 -21.91 6.57
C ARG B 13 8.32 -21.41 6.14
N PRO B 14 9.23 -21.19 7.12
CA PRO B 14 10.59 -20.72 6.85
C PRO B 14 11.33 -21.71 5.97
N GLY B 15 12.17 -21.21 5.07
CA GLY B 15 12.90 -22.10 4.19
C GLY B 15 12.09 -22.61 3.02
N ALA B 16 10.76 -22.60 3.14
CA ALA B 16 9.92 -23.08 2.05
C ALA B 16 9.90 -22.04 0.93
N SER B 17 9.05 -22.24 -0.07
CA SER B 17 8.95 -21.29 -1.18
C SER B 17 7.47 -21.02 -1.43
N VAL B 18 7.16 -19.94 -2.14
CA VAL B 18 5.77 -19.60 -2.43
C VAL B 18 5.57 -19.04 -3.83
N LYS B 19 4.37 -19.23 -4.37
CA LYS B 19 4.01 -18.76 -5.70
C LYS B 19 2.90 -17.71 -5.62
N LEU B 20 3.16 -16.51 -6.13
CA LEU B 20 2.16 -15.45 -6.08
C LEU B 20 1.59 -15.16 -7.48
N SER B 21 0.26 -15.05 -7.56
CA SER B 21 -0.38 -14.79 -8.85
C SER B 21 -1.05 -13.42 -8.93
N CYS B 22 -1.21 -12.93 -10.15
CA CYS B 22 -1.81 -11.63 -10.43
C CYS B 22 -2.54 -11.77 -11.77
N LYS B 23 -3.87 -11.90 -11.73
CA LYS B 23 -4.63 -12.06 -12.96
C LYS B 23 -5.07 -10.74 -13.57
N ALA B 24 -4.63 -10.47 -14.79
CA ALA B 24 -4.97 -9.23 -15.47
C ALA B 24 -6.13 -9.33 -16.45
N SER B 25 -6.90 -8.24 -16.54
CA SER B 25 -8.03 -8.13 -17.44
C SER B 25 -8.32 -6.65 -17.66
N GLY B 26 -8.92 -6.32 -18.79
CA GLY B 26 -9.23 -4.93 -19.06
C GLY B 26 -8.29 -4.27 -20.05
N PHE B 27 -7.25 -5.00 -20.46
CA PHE B 27 -6.28 -4.47 -21.42
C PHE B 27 -5.53 -5.65 -22.06
N THR B 28 -4.73 -5.35 -23.07
CA THR B 28 -3.98 -6.38 -23.75
C THR B 28 -2.75 -6.75 -22.95
N PHE B 29 -2.79 -7.95 -22.39
CA PHE B 29 -1.74 -8.50 -21.55
C PHE B 29 -0.40 -8.71 -22.24
N THR B 30 -0.41 -9.35 -23.41
CA THR B 30 0.83 -9.62 -24.13
C THR B 30 1.50 -8.33 -24.59
N SER B 31 0.72 -7.27 -24.63
CA SER B 31 1.18 -5.96 -25.07
C SER B 31 1.51 -5.02 -23.89
N SER B 32 1.79 -5.57 -22.71
CA SER B 32 2.07 -4.75 -21.53
C SER B 32 3.44 -4.89 -20.90
N TRP B 33 3.58 -4.24 -19.74
CA TRP B 33 4.80 -4.26 -18.93
C TRP B 33 4.32 -4.37 -17.50
N MET B 34 4.49 -5.55 -16.91
CA MET B 34 4.05 -5.79 -15.55
C MET B 34 5.18 -5.65 -14.53
N HIS B 35 4.88 -5.03 -13.39
CA HIS B 35 5.87 -4.82 -12.34
C HIS B 35 5.44 -5.38 -11.00
N TRP B 36 6.42 -5.66 -10.14
CA TRP B 36 6.18 -6.18 -8.79
C TRP B 36 6.90 -5.30 -7.78
N ALA B 37 6.29 -5.11 -6.61
CA ALA B 37 6.90 -4.30 -5.55
C ALA B 37 6.48 -4.89 -4.22
N LYS B 38 7.29 -4.63 -3.19
CA LYS B 38 6.97 -5.12 -1.85
C LYS B 38 7.02 -4.01 -0.81
N GLN B 39 6.17 -4.15 0.19
CA GLN B 39 6.08 -3.18 1.27
C GLN B 39 5.88 -3.86 2.62
N ARG B 40 6.90 -3.76 3.47
CA ARG B 40 6.86 -4.32 4.80
C ARG B 40 6.21 -3.28 5.70
N PRO B 41 5.50 -3.72 6.74
CA PRO B 41 4.83 -2.80 7.66
C PRO B 41 5.64 -1.57 8.00
N GLY B 42 5.08 -0.40 7.69
CA GLY B 42 5.72 0.87 7.96
C GLY B 42 7.14 1.09 7.45
N GLN B 43 7.61 0.27 6.52
CA GLN B 43 8.96 0.44 6.00
C GLN B 43 9.09 1.10 4.63
N GLY B 44 8.01 1.14 3.84
CA GLY B 44 8.11 1.75 2.54
C GLY B 44 8.04 0.77 1.36
N LEU B 45 8.27 1.27 0.15
CA LEU B 45 8.20 0.45 -1.04
C LEU B 45 9.55 0.14 -1.68
N GLU B 46 9.75 -1.14 -2.02
CA GLU B 46 10.96 -1.59 -2.68
C GLU B 46 10.54 -2.16 -4.04
N TRP B 47 11.29 -1.83 -5.09
CA TRP B 47 10.96 -2.34 -6.42
C TRP B 47 11.62 -3.71 -6.64
N ILE B 48 10.87 -4.64 -7.22
CA ILE B 48 11.38 -5.97 -7.48
C ILE B 48 11.79 -6.17 -8.95
N GLY B 49 10.92 -5.84 -9.88
CA GLY B 49 11.26 -6.01 -11.29
C GLY B 49 10.14 -5.80 -12.29
N GLU B 50 10.48 -5.99 -13.56
CA GLU B 50 9.55 -5.81 -14.67
C GLU B 50 9.64 -6.95 -15.67
N ILE B 51 8.51 -7.30 -16.27
CA ILE B 51 8.51 -8.35 -17.27
C ILE B 51 7.61 -7.96 -18.44
N HIS B 52 8.11 -8.20 -19.65
CA HIS B 52 7.39 -7.92 -20.89
C HIS B 52 6.78 -9.28 -21.28
N PRO B 53 5.48 -9.48 -20.95
CA PRO B 53 4.72 -10.71 -21.22
C PRO B 53 4.87 -11.37 -22.58
N ASN B 54 5.04 -10.57 -23.62
CA ASN B 54 5.17 -11.10 -24.97
C ASN B 54 6.43 -11.93 -25.19
N SER B 55 7.42 -11.78 -24.32
CA SER B 55 8.67 -12.53 -24.50
C SER B 55 9.14 -13.22 -23.23
N GLY B 56 8.82 -12.64 -22.10
CA GLY B 56 9.26 -13.20 -20.83
C GLY B 56 10.53 -12.50 -20.39
N ASN B 57 10.97 -11.54 -21.20
CA ASN B 57 12.17 -10.79 -20.85
C ASN B 57 11.94 -10.10 -19.52
N THR B 58 12.98 -10.03 -18.70
CA THR B 58 12.86 -9.41 -17.39
C THR B 58 14.01 -8.46 -17.07
N HIS B 59 13.79 -7.67 -16.04
CA HIS B 59 14.75 -6.72 -15.54
C HIS B 59 14.52 -6.78 -14.03
N TYR B 60 15.55 -7.18 -13.31
CA TYR B 60 15.49 -7.35 -11.87
C TYR B 60 16.24 -6.30 -11.07
N ASN B 61 15.88 -6.18 -9.80
CA ASN B 61 16.54 -5.30 -8.87
C ASN B 61 17.56 -6.25 -8.27
N GLU B 62 18.83 -5.98 -8.52
CA GLU B 62 19.92 -6.82 -8.03
C GLU B 62 19.73 -7.44 -6.64
N LYS B 63 19.12 -6.74 -5.70
CA LYS B 63 18.95 -7.34 -4.37
C LYS B 63 17.85 -8.40 -4.27
N PHE B 64 17.27 -8.78 -5.41
CA PHE B 64 16.23 -9.79 -5.44
C PHE B 64 16.58 -10.92 -6.40
N LYS B 65 17.58 -10.67 -7.25
CA LYS B 65 18.01 -11.64 -8.26
C LYS B 65 17.92 -13.11 -7.87
N GLY B 66 18.50 -13.47 -6.74
CA GLY B 66 18.44 -14.87 -6.34
C GLY B 66 17.18 -15.25 -5.57
N LYS B 67 16.45 -14.24 -5.09
CA LYS B 67 15.25 -14.49 -4.30
C LYS B 67 13.95 -14.64 -5.08
N ALA B 68 13.73 -13.73 -6.02
CA ALA B 68 12.50 -13.74 -6.80
C ALA B 68 12.73 -13.99 -8.29
N THR B 69 11.75 -14.64 -8.91
CA THR B 69 11.80 -14.90 -10.34
C THR B 69 10.41 -14.60 -10.89
N LEU B 70 10.35 -13.77 -11.93
CA LEU B 70 9.09 -13.41 -12.54
C LEU B 70 8.81 -14.27 -13.77
N THR B 71 7.55 -14.65 -13.95
CA THR B 71 7.12 -15.45 -15.09
C THR B 71 5.68 -15.07 -15.41
N VAL B 72 5.19 -15.51 -16.56
CA VAL B 72 3.81 -15.21 -16.97
C VAL B 72 3.18 -16.41 -17.64
N ASP B 73 1.91 -16.24 -18.03
CA ASP B 73 1.15 -17.25 -18.73
C ASP B 73 0.16 -16.50 -19.63
N THR B 74 0.54 -16.31 -20.88
CA THR B 74 -0.28 -15.59 -21.85
C THR B 74 -1.70 -16.12 -22.03
N SER B 75 -1.86 -17.44 -21.90
CA SER B 75 -3.18 -18.06 -22.09
C SER B 75 -4.21 -17.73 -21.01
N SER B 76 -3.76 -17.46 -19.79
CA SER B 76 -4.71 -17.14 -18.73
C SER B 76 -4.51 -15.70 -18.26
N SER B 77 -3.67 -14.96 -18.98
CA SER B 77 -3.39 -13.56 -18.63
C SER B 77 -2.99 -13.43 -17.16
N THR B 78 -1.96 -14.17 -16.76
CA THR B 78 -1.51 -14.13 -15.37
C THR B 78 0.01 -13.97 -15.21
N ALA B 79 0.38 -13.09 -14.27
CA ALA B 79 1.77 -12.83 -13.97
C ALA B 79 2.08 -13.53 -12.64
N TYR B 80 3.31 -14.02 -12.47
CA TYR B 80 3.68 -14.71 -11.24
C TYR B 80 5.03 -14.28 -10.69
N VAL B 81 5.22 -14.57 -9.41
CA VAL B 81 6.49 -14.31 -8.74
C VAL B 81 6.70 -15.53 -7.88
N ASP B 82 7.91 -16.06 -7.92
CA ASP B 82 8.22 -17.21 -7.09
C ASP B 82 9.31 -16.77 -6.15
N LEU B 83 9.03 -16.93 -4.86
CA LEU B 83 9.97 -16.57 -3.82
C LEU B 83 10.50 -17.88 -3.25
N SER B 84 11.82 -18.00 -3.17
CA SER B 84 12.47 -19.21 -2.67
C SER B 84 13.11 -19.03 -1.31
N SER B 85 13.16 -20.14 -0.57
CA SER B 85 13.75 -20.21 0.77
C SER B 85 13.46 -18.99 1.63
N LEU B 86 12.19 -18.80 1.92
CA LEU B 86 11.72 -17.66 2.69
C LEU B 86 12.28 -17.56 4.10
N THR B 87 12.30 -16.33 4.62
CA THR B 87 12.76 -16.03 5.96
C THR B 87 11.75 -15.06 6.56
N SER B 88 12.04 -14.54 7.74
CA SER B 88 11.12 -13.59 8.38
C SER B 88 11.14 -12.28 7.62
N GLU B 89 12.31 -11.95 7.07
CA GLU B 89 12.49 -10.72 6.31
C GLU B 89 11.65 -10.71 5.04
N ASP B 90 11.01 -11.83 4.72
CA ASP B 90 10.19 -11.91 3.53
C ASP B 90 8.71 -11.65 3.79
N SER B 91 8.33 -11.61 5.07
CA SER B 91 6.95 -11.34 5.43
C SER B 91 6.64 -9.89 4.99
N ALA B 92 5.58 -9.72 4.20
CA ALA B 92 5.24 -8.40 3.71
C ALA B 92 4.10 -8.46 2.71
N VAL B 93 3.72 -7.30 2.18
CA VAL B 93 2.66 -7.24 1.18
C VAL B 93 3.33 -7.14 -0.19
N TYR B 94 2.88 -7.95 -1.15
CA TYR B 94 3.47 -7.90 -2.47
C TYR B 94 2.42 -7.42 -3.46
N TYR B 95 2.79 -6.38 -4.21
CA TYR B 95 1.92 -5.75 -5.20
C TYR B 95 2.35 -5.98 -6.64
N CYS B 96 1.37 -6.17 -7.51
CA CYS B 96 1.65 -6.27 -8.93
C CYS B 96 1.00 -5.00 -9.50
N ALA B 97 1.62 -4.42 -10.51
CA ALA B 97 1.09 -3.20 -11.09
C ALA B 97 1.39 -3.11 -12.58
N ARG B 98 0.59 -2.34 -13.29
CA ARG B 98 0.82 -2.16 -14.72
C ARG B 98 1.56 -0.86 -14.95
N MET B 99 2.68 -0.94 -15.63
CA MET B 99 3.47 0.22 -15.95
C MET B 99 3.03 0.65 -17.33
N ARG B 100 2.66 1.91 -17.50
CA ARG B 100 2.32 2.34 -18.84
C ARG B 100 3.34 3.37 -19.27
N TYR B 101 3.87 3.19 -20.48
CA TYR B 101 4.87 4.11 -20.99
C TYR B 101 4.26 5.26 -21.78
N GLY B 102 4.78 5.51 -22.98
CA GLY B 102 4.26 6.61 -23.78
C GLY B 102 4.59 7.95 -23.14
N ASP B 103 3.55 8.71 -22.82
CA ASP B 103 3.71 10.02 -22.19
C ASP B 103 3.60 9.93 -20.68
N TYR B 104 3.35 8.72 -20.19
CA TYR B 104 3.19 8.51 -18.75
C TYR B 104 4.44 8.07 -17.98
N TYR B 105 4.96 6.90 -18.30
CA TYR B 105 6.10 6.33 -17.60
C TYR B 105 5.81 6.23 -16.09
N ALA B 106 4.67 5.62 -15.76
CA ALA B 106 4.32 5.47 -14.37
C ALA B 106 3.37 4.30 -14.18
N MET B 107 3.40 3.72 -12.99
CA MET B 107 2.52 2.61 -12.66
C MET B 107 1.18 3.20 -12.24
N ASP B 108 0.21 3.23 -13.14
CA ASP B 108 -1.09 3.83 -12.83
C ASP B 108 -2.19 2.87 -12.33
N ASN B 109 -1.90 1.57 -12.29
CA ASN B 109 -2.88 0.60 -11.80
C ASN B 109 -2.20 -0.47 -10.96
N TRP B 110 -2.67 -0.63 -9.74
CA TRP B 110 -2.10 -1.60 -8.81
C TRP B 110 -3.10 -2.67 -8.37
N GLY B 111 -2.58 -3.81 -7.91
CA GLY B 111 -3.42 -4.88 -7.42
C GLY B 111 -3.65 -4.61 -5.95
N GLN B 112 -4.56 -5.37 -5.33
CA GLN B 112 -4.88 -5.20 -3.92
C GLN B 112 -3.73 -5.59 -3.01
N GLY B 113 -2.83 -6.43 -3.50
CA GLY B 113 -1.70 -6.86 -2.70
C GLY B 113 -1.95 -8.18 -1.96
N THR B 114 -0.90 -8.98 -1.82
CA THR B 114 -1.02 -10.25 -1.11
C THR B 114 -0.15 -10.21 0.14
N SER B 115 -0.81 -10.23 1.30
CA SER B 115 -0.10 -10.21 2.56
C SER B 115 0.52 -11.58 2.79
N VAL B 116 1.83 -11.62 2.99
CA VAL B 116 2.55 -12.87 3.19
C VAL B 116 3.18 -13.01 4.56
N THR B 117 2.90 -14.14 5.21
CA THR B 117 3.44 -14.41 6.53
C THR B 117 4.40 -15.59 6.50
N VAL B 118 5.61 -15.38 7.02
CA VAL B 118 6.60 -16.45 7.07
C VAL B 118 6.75 -16.84 8.54
N SER B 119 6.00 -17.86 8.96
CA SER B 119 6.04 -18.34 10.33
C SER B 119 5.91 -19.85 10.43
N SER B 120 6.45 -20.41 11.49
CA SER B 120 6.36 -21.85 11.70
C SER B 120 5.33 -22.15 12.79
N ALA B 121 4.55 -21.13 13.17
CA ALA B 121 3.50 -21.28 14.16
C ALA B 121 2.32 -21.97 13.48
N LYS B 122 1.39 -22.52 14.26
CA LYS B 122 0.24 -23.21 13.69
C LYS B 122 -1.07 -22.45 13.72
N THR B 123 -1.91 -22.72 12.72
CA THR B 123 -3.21 -22.09 12.58
C THR B 123 -4.09 -22.44 13.78
N THR B 124 -4.67 -21.42 14.40
CA THR B 124 -5.53 -21.60 15.57
C THR B 124 -6.77 -20.73 15.49
N ALA B 125 -7.92 -21.32 15.80
CA ALA B 125 -9.18 -20.59 15.79
C ALA B 125 -9.19 -19.65 16.97
N PRO B 126 -10.01 -18.58 16.92
CA PRO B 126 -10.05 -17.65 18.04
C PRO B 126 -11.29 -17.69 18.92
N PRO B 127 -11.12 -17.48 20.24
CA PRO B 127 -12.24 -17.47 21.18
C PRO B 127 -12.74 -16.03 21.27
N VAL B 128 -13.99 -15.78 20.88
CA VAL B 128 -14.53 -14.43 20.94
C VAL B 128 -15.34 -14.25 22.23
N TYR B 129 -14.98 -13.24 23.01
CA TYR B 129 -15.64 -12.96 24.29
C TYR B 129 -16.41 -11.63 24.25
N PRO B 130 -17.64 -11.64 24.78
CA PRO B 130 -18.52 -10.46 24.83
C PRO B 130 -18.17 -9.52 25.98
N LEU B 131 -18.15 -8.23 25.70
CA LEU B 131 -17.81 -7.24 26.72
C LEU B 131 -18.97 -6.33 27.09
N ALA B 132 -19.67 -6.70 28.16
CA ALA B 132 -20.79 -5.93 28.65
C ALA B 132 -20.32 -5.09 29.83
N PRO B 133 -20.83 -3.86 29.96
CA PRO B 133 -20.43 -2.96 31.05
C PRO B 133 -20.67 -3.57 32.43
N VAL B 134 -20.19 -2.89 33.47
CA VAL B 134 -20.31 -3.38 34.83
C VAL B 134 -21.55 -2.93 35.62
N CYS B 135 -21.94 -3.77 36.59
CA CYS B 135 -23.11 -3.60 37.47
C CYS B 135 -23.92 -2.31 37.42
N GLY B 136 -25.22 -2.47 37.16
CA GLY B 136 -26.14 -1.35 37.11
C GLY B 136 -26.47 -0.84 35.71
N ASP B 137 -27.41 0.10 35.67
CA ASP B 137 -27.87 0.75 34.44
C ASP B 137 -27.94 2.22 34.82
N THR B 138 -29.01 2.91 34.42
CA THR B 138 -29.20 4.31 34.78
C THR B 138 -27.95 5.14 34.43
N THR B 139 -27.75 5.54 33.17
CA THR B 139 -26.56 6.32 32.83
C THR B 139 -26.74 7.06 31.52
N GLY B 140 -25.83 8.02 31.39
CA GLY B 140 -26.23 8.72 30.19
C GLY B 140 -26.50 8.04 28.87
N SER B 141 -26.04 8.78 27.87
CA SER B 141 -26.75 9.46 26.81
C SER B 141 -26.33 8.39 25.82
N SER B 142 -25.41 7.58 26.36
CA SER B 142 -24.75 6.52 25.66
C SER B 142 -24.15 5.43 26.57
N VAL B 143 -23.95 4.26 25.98
CA VAL B 143 -23.34 3.11 26.65
C VAL B 143 -22.38 2.47 25.63
N THR B 144 -21.29 1.86 26.11
CA THR B 144 -20.33 1.24 25.20
C THR B 144 -20.15 -0.26 25.39
N LEU B 145 -20.24 -1.00 24.29
CA LEU B 145 -20.09 -2.45 24.34
C LEU B 145 -18.80 -2.85 23.62
N GLY B 146 -18.28 -4.02 23.95
CA GLY B 146 -17.05 -4.50 23.34
C GLY B 146 -17.03 -5.96 22.98
N CYS B 147 -16.10 -6.33 22.11
CA CYS B 147 -15.95 -7.70 21.64
C CYS B 147 -14.44 -7.97 21.64
N LEU B 148 -14.01 -9.02 22.34
CA LEU B 148 -12.59 -9.37 22.40
C LEU B 148 -12.29 -10.68 21.65
N VAL B 149 -11.40 -10.60 20.68
CA VAL B 149 -11.00 -11.75 19.88
C VAL B 149 -9.56 -12.09 20.24
N LYS B 150 -9.38 -13.17 20.99
CA LYS B 150 -8.05 -13.56 21.45
C LYS B 150 -7.55 -14.94 21.00
N GLY B 151 -6.24 -15.10 20.98
CA GLY B 151 -5.62 -16.37 20.61
C GLY B 151 -5.69 -16.97 19.22
N TYR B 152 -5.43 -16.20 18.17
CA TYR B 152 -5.45 -16.78 16.82
C TYR B 152 -4.15 -16.39 16.09
N PHE B 153 -3.62 -17.30 15.27
CA PHE B 153 -2.40 -16.98 14.53
C PHE B 153 -2.67 -16.78 13.06
N PRO B 154 -3.40 -17.71 12.45
CA PRO B 154 -3.69 -17.52 11.03
C PRO B 154 -4.36 -16.13 10.96
N GLU B 155 -3.53 -15.12 10.66
CA GLU B 155 -3.94 -13.73 10.58
C GLU B 155 -4.83 -13.32 9.43
N SER B 156 -5.98 -13.11 8.80
CA SER B 156 -6.82 -11.94 8.91
C SER B 156 -8.15 -12.43 9.45
N VAL B 157 -8.78 -11.61 10.29
CA VAL B 157 -10.06 -11.96 10.86
C VAL B 157 -10.99 -10.79 10.55
N THR B 158 -12.27 -11.07 10.31
CA THR B 158 -13.20 -9.99 10.01
C THR B 158 -14.26 -9.85 11.09
N LEU B 159 -14.49 -8.62 11.54
CA LEU B 159 -15.47 -8.38 12.59
C LEU B 159 -16.46 -7.28 12.23
N LEU B 160 -17.69 -7.45 12.71
CA LEU B 160 -18.73 -6.46 12.49
C LEU B 160 -19.86 -6.65 13.48
N TRP B 161 -20.73 -5.65 13.58
CA TRP B 161 -21.84 -5.72 14.51
C TRP B 161 -23.17 -5.82 13.77
N ASN B 162 -24.02 -6.72 14.23
CA ASN B 162 -25.33 -6.94 13.60
C ASN B 162 -25.19 -7.19 12.11
N SER B 163 -24.28 -8.09 11.76
CA SER B 163 -24.03 -8.45 10.38
C SER B 163 -23.74 -7.25 9.48
N GLY B 164 -23.38 -6.12 10.08
CA GLY B 164 -23.08 -4.94 9.29
C GLY B 164 -24.11 -3.84 9.46
N SER B 165 -25.25 -4.16 10.04
CA SER B 165 -26.32 -3.19 10.26
C SER B 165 -25.75 -2.00 11.03
N LEU B 166 -25.34 -2.28 12.26
CA LEU B 166 -24.78 -1.27 13.14
C LEU B 166 -23.35 -0.99 12.68
N SER B 167 -23.10 0.22 12.21
CA SER B 167 -21.77 0.56 11.73
C SER B 167 -21.33 1.96 12.19
N SER B 168 -22.26 2.70 12.77
CA SER B 168 -21.95 4.04 13.23
C SER B 168 -21.55 3.96 14.69
N GLY B 169 -20.40 4.53 15.03
CA GLY B 169 -19.92 4.50 16.40
C GLY B 169 -19.09 3.26 16.69
N VAL B 170 -18.36 2.79 15.69
CA VAL B 170 -17.53 1.60 15.84
C VAL B 170 -16.03 1.90 15.74
N HIS B 171 -15.26 1.27 16.61
CA HIS B 171 -13.82 1.43 16.65
C HIS B 171 -13.19 0.04 16.74
N THR B 172 -12.64 -0.43 15.62
CA THR B 172 -12.01 -1.72 15.56
C THR B 172 -10.51 -1.48 15.64
N PHE B 173 -9.84 -2.17 16.55
CA PHE B 173 -8.42 -1.99 16.76
C PHE B 173 -7.51 -2.98 16.04
N PRO B 174 -6.37 -2.49 15.53
CA PRO B 174 -5.41 -3.35 14.83
C PRO B 174 -4.90 -4.41 15.80
N ALA B 175 -4.85 -5.66 15.35
CA ALA B 175 -4.41 -6.75 16.20
C ALA B 175 -2.90 -6.72 16.43
N VAL B 176 -2.47 -7.08 17.64
CA VAL B 176 -1.04 -7.11 17.92
C VAL B 176 -0.67 -8.56 18.21
N LEU B 177 0.59 -8.90 17.96
CA LEU B 177 1.07 -10.27 18.16
C LEU B 177 1.80 -10.43 19.49
N GLN B 178 1.79 -11.64 20.01
CA GLN B 178 2.46 -11.96 21.27
C GLN B 178 2.46 -13.47 21.50
N SER B 179 3.65 -14.06 21.46
CA SER B 179 3.82 -15.50 21.64
C SER B 179 3.18 -16.26 20.48
N ASP B 180 3.34 -15.72 19.29
CA ASP B 180 2.80 -16.34 18.09
C ASP B 180 1.27 -16.33 18.07
N LEU B 181 0.67 -15.42 18.82
CA LEU B 181 -0.78 -15.33 18.85
C LEU B 181 -1.29 -13.88 18.80
N TYR B 182 -2.33 -13.65 18.00
CA TYR B 182 -2.91 -12.32 17.87
C TYR B 182 -4.11 -12.05 18.78
N THR B 183 -4.25 -10.79 19.19
CA THR B 183 -5.37 -10.36 20.00
C THR B 183 -5.96 -9.11 19.36
N LEU B 184 -7.27 -9.12 19.11
CA LEU B 184 -7.93 -7.98 18.49
C LEU B 184 -9.17 -7.60 19.30
N SER B 185 -9.60 -6.34 19.23
CA SER B 185 -10.79 -5.91 19.96
C SER B 185 -11.56 -4.85 19.18
N SER B 186 -12.84 -4.68 19.55
CA SER B 186 -13.68 -3.71 18.87
C SER B 186 -14.73 -3.16 19.83
N SER B 187 -14.92 -1.85 19.80
CA SER B 187 -15.91 -1.22 20.69
C SER B 187 -17.04 -0.57 19.87
N VAL B 188 -18.23 -0.58 20.43
CA VAL B 188 -19.38 0.03 19.76
C VAL B 188 -20.14 0.88 20.78
N THR B 189 -20.51 2.09 20.38
CA THR B 189 -21.21 2.99 21.29
C THR B 189 -22.61 3.32 20.82
N VAL B 190 -23.60 3.00 21.65
CA VAL B 190 -25.01 3.26 21.33
C VAL B 190 -25.69 4.07 22.42
N THR B 191 -26.96 4.40 22.18
CA THR B 191 -27.75 5.18 23.13
C THR B 191 -28.23 4.34 24.30
N SER B 192 -28.30 4.96 25.47
CA SER B 192 -28.73 4.28 26.69
C SER B 192 -30.12 3.66 26.57
N SER B 193 -30.94 4.23 25.68
CA SER B 193 -32.31 3.78 25.46
C SER B 193 -32.50 2.64 24.46
N THR B 194 -31.43 2.16 23.84
CA THR B 194 -31.56 1.07 22.88
C THR B 194 -31.07 -0.28 23.42
N TRP B 195 -30.12 -0.25 24.36
CA TRP B 195 -29.59 -1.48 24.94
C TRP B 195 -30.00 -1.56 26.41
N PRO B 196 -30.32 -2.76 26.91
CA PRO B 196 -30.30 -4.05 26.20
C PRO B 196 -31.60 -4.48 25.53
N SER B 197 -32.61 -3.62 25.49
CA SER B 197 -33.88 -4.00 24.86
C SER B 197 -33.68 -4.42 23.41
N GLN B 198 -32.86 -3.68 22.66
CA GLN B 198 -32.54 -4.06 21.28
C GLN B 198 -31.22 -4.81 21.43
N SER B 199 -31.16 -6.01 20.87
CA SER B 199 -29.96 -6.84 20.98
C SER B 199 -28.80 -6.44 20.07
N ILE B 200 -27.59 -6.64 20.56
CA ILE B 200 -26.39 -6.32 19.81
C ILE B 200 -25.45 -7.52 19.77
N THR B 201 -24.97 -7.83 18.57
CA THR B 201 -24.11 -9.00 18.38
C THR B 201 -22.87 -8.70 17.54
N CYS B 202 -21.72 -9.25 17.93
CA CYS B 202 -20.55 -9.06 17.09
C CYS B 202 -20.34 -10.37 16.42
N ASN B 203 -20.07 -10.31 15.11
CA ASN B 203 -19.87 -11.50 14.33
C ASN B 203 -18.40 -11.57 13.96
N VAL B 204 -17.79 -12.71 14.22
CA VAL B 204 -16.38 -12.89 13.94
C VAL B 204 -16.14 -14.04 12.97
N ALA B 205 -15.43 -13.74 11.90
CA ALA B 205 -15.08 -14.73 10.88
C ALA B 205 -13.56 -14.81 10.81
N HIS B 206 -13.06 -16.03 10.75
CA HIS B 206 -11.62 -16.31 10.69
C HIS B 206 -11.39 -17.36 9.60
N PRO B 207 -11.26 -16.90 8.34
CA PRO B 207 -11.05 -17.71 7.14
C PRO B 207 -10.07 -18.89 7.23
N ALA B 208 -8.85 -18.62 7.70
CA ALA B 208 -7.83 -19.66 7.80
C ALA B 208 -8.23 -20.89 8.60
N SER B 209 -9.06 -20.71 9.63
CA SER B 209 -9.49 -21.84 10.44
C SER B 209 -10.94 -22.20 10.10
N SER B 210 -11.48 -21.52 9.10
CA SER B 210 -12.85 -21.77 8.68
C SER B 210 -13.79 -21.65 9.86
N THR B 211 -13.63 -20.59 10.63
CA THR B 211 -14.48 -20.35 11.79
C THR B 211 -15.43 -19.19 11.56
N LYS B 212 -16.62 -19.31 12.13
CA LYS B 212 -17.64 -18.26 12.04
C LYS B 212 -18.31 -18.21 13.41
N VAL B 213 -18.36 -17.03 14.01
CA VAL B 213 -18.97 -16.91 15.34
C VAL B 213 -19.86 -15.67 15.52
N ASP B 214 -20.93 -15.84 16.29
CA ASP B 214 -21.86 -14.76 16.62
C ASP B 214 -21.96 -14.71 18.12
N LYS B 215 -21.68 -13.56 18.70
CA LYS B 215 -21.75 -13.42 20.14
C LYS B 215 -22.66 -12.28 20.53
N LYS B 216 -23.67 -12.63 21.33
CA LYS B 216 -24.66 -11.67 21.80
C LYS B 216 -24.18 -11.07 23.12
N ILE B 217 -24.10 -9.74 23.18
CA ILE B 217 -23.66 -9.07 24.39
C ILE B 217 -24.82 -9.04 25.38
N GLU B 218 -24.80 -9.96 26.32
CA GLU B 218 -25.84 -10.08 27.35
C GLU B 218 -25.47 -9.21 28.55
N PRO B 219 -26.49 -8.63 29.21
CA PRO B 219 -26.23 -7.79 30.40
C PRO B 219 -25.79 -8.65 31.58
N ARG B 220 -24.88 -8.12 32.41
CA ARG B 220 -24.40 -8.85 33.57
C ARG B 220 -25.30 -8.50 34.74
N GLY B 221 -25.48 -7.20 34.94
CA GLY B 221 -26.28 -6.68 36.02
C GLY B 221 -25.44 -5.60 36.67
N THR C 1 12.11 7.55 -53.24
CA THR C 1 11.75 6.91 -51.95
C THR C 1 12.36 5.50 -51.82
N VAL C 2 12.67 5.10 -50.60
CA VAL C 2 13.22 3.77 -50.33
C VAL C 2 12.32 3.11 -49.30
N GLU C 3 12.09 1.82 -49.46
CA GLU C 3 11.22 1.09 -48.55
C GLU C 3 11.84 -0.20 -48.08
N ILE C 4 12.20 -0.28 -46.80
CA ILE C 4 12.79 -1.50 -46.27
C ILE C 4 11.72 -2.27 -45.52
N LYS C 5 11.79 -3.60 -45.57
CA LYS C 5 10.82 -4.43 -44.87
C LYS C 5 11.49 -5.54 -44.10
N GLU C 6 11.10 -5.68 -42.83
CA GLU C 6 11.64 -6.70 -41.96
C GLU C 6 10.50 -7.26 -41.14
N GLY C 7 10.09 -8.49 -41.44
CA GLY C 7 8.99 -9.07 -40.71
C GLY C 7 7.73 -8.27 -40.97
N THR C 8 7.12 -7.75 -39.93
CA THR C 8 5.90 -6.96 -40.08
C THR C 8 6.19 -5.47 -39.91
N VAL C 9 7.47 -5.13 -39.99
CA VAL C 9 7.92 -3.75 -39.84
C VAL C 9 8.30 -3.12 -41.18
N THR C 10 7.67 -1.99 -41.51
CA THR C 10 7.96 -1.30 -42.76
C THR C 10 8.55 0.08 -42.49
N LEU C 11 9.77 0.31 -42.95
CA LEU C 11 10.44 1.59 -42.77
C LEU C 11 10.53 2.34 -44.10
N LYS C 12 9.89 3.51 -44.18
CA LYS C 12 9.91 4.31 -45.41
C LYS C 12 10.62 5.66 -45.26
N ARG C 13 11.62 5.88 -46.10
CA ARG C 13 12.38 7.12 -46.10
C ARG C 13 12.25 7.77 -47.47
N GLU C 14 11.83 9.02 -47.50
CA GLU C 14 11.67 9.69 -48.78
C GLU C 14 12.04 11.16 -48.70
N ILE C 15 12.76 11.64 -49.71
CA ILE C 15 13.16 13.04 -49.77
C ILE C 15 12.16 13.73 -50.70
N GLU C 16 11.68 14.90 -50.31
CA GLU C 16 10.73 15.61 -51.15
C GLU C 16 11.45 16.45 -52.22
N LYS C 17 12.59 15.90 -52.67
CA LYS C 17 13.44 16.47 -53.70
C LYS C 17 13.83 17.94 -53.66
N ASP C 18 13.30 18.68 -52.70
CA ASP C 18 13.65 20.10 -52.58
C ASP C 18 14.64 20.19 -51.43
N GLY C 19 15.05 19.02 -50.94
CA GLY C 19 15.99 18.95 -49.84
C GLY C 19 15.27 18.86 -48.50
N LYS C 20 14.47 17.81 -48.33
CA LYS C 20 13.74 17.61 -47.08
C LYS C 20 13.37 16.14 -46.92
N VAL C 21 14.09 15.46 -46.03
CA VAL C 21 13.86 14.05 -45.76
C VAL C 21 12.87 13.86 -44.62
N LYS C 22 12.08 12.80 -44.70
CA LYS C 22 11.11 12.47 -43.67
C LYS C 22 10.86 10.96 -43.61
N VAL C 23 11.27 10.35 -42.50
CA VAL C 23 11.13 8.92 -42.31
C VAL C 23 9.84 8.49 -41.60
N PHE C 24 9.24 7.42 -42.11
CA PHE C 24 8.01 6.87 -41.55
C PHE C 24 8.26 5.42 -41.16
N LEU C 25 7.70 5.00 -40.03
CA LEU C 25 7.87 3.64 -39.55
C LEU C 25 6.50 3.02 -39.26
N ASN C 26 6.30 1.79 -39.74
CA ASN C 26 5.02 1.13 -39.53
C ASN C 26 5.18 -0.35 -39.25
N ASP C 27 4.40 -0.86 -38.29
CA ASP C 27 4.45 -2.27 -37.92
C ASP C 27 3.03 -2.82 -37.82
N THR C 28 2.79 -3.97 -38.44
CA THR C 28 1.47 -4.58 -38.43
C THR C 28 1.16 -5.47 -37.23
N ALA C 29 2.20 -5.94 -36.55
CA ALA C 29 2.02 -6.81 -35.38
C ALA C 29 1.15 -6.14 -34.32
N GLY C 30 0.47 -6.95 -33.51
CA GLY C 30 -0.39 -6.43 -32.47
C GLY C 30 0.24 -6.53 -31.09
N SER C 31 1.45 -7.07 -31.03
CA SER C 31 2.18 -7.24 -29.78
C SER C 31 3.67 -6.97 -30.02
N ASN C 32 4.30 -6.30 -29.08
CA ASN C 32 5.72 -5.92 -29.21
C ASN C 32 5.84 -5.13 -30.50
N LYS C 33 4.81 -4.34 -30.81
CA LYS C 33 4.82 -3.56 -32.04
C LYS C 33 5.66 -2.29 -31.95
N LYS C 34 6.34 -1.98 -33.05
CA LYS C 34 7.16 -0.78 -33.10
C LYS C 34 6.36 0.41 -33.62
N THR C 35 6.76 1.59 -33.17
CA THR C 35 6.15 2.85 -33.58
C THR C 35 7.30 3.85 -33.62
N GLY C 36 7.15 4.92 -34.39
CA GLY C 36 8.22 5.89 -34.45
C GLY C 36 7.75 7.34 -34.40
N LYS C 37 8.51 8.16 -33.69
CA LYS C 37 8.19 9.58 -33.60
C LYS C 37 9.34 10.22 -34.35
N TRP C 38 9.01 10.98 -35.39
CA TRP C 38 10.02 11.64 -36.21
C TRP C 38 10.22 13.09 -35.83
N GLU C 39 11.47 13.46 -35.54
CA GLU C 39 11.80 14.84 -35.20
C GLU C 39 12.61 15.48 -36.32
N ASP C 40 11.90 16.03 -37.30
CA ASP C 40 12.50 16.67 -38.46
C ASP C 40 13.54 17.74 -38.12
N SER C 41 13.46 18.27 -36.91
CA SER C 41 14.39 19.31 -36.46
C SER C 41 15.82 18.80 -36.30
N THR C 42 15.97 17.50 -36.12
CA THR C 42 17.28 16.89 -35.96
C THR C 42 17.40 15.64 -36.82
N SER C 43 16.34 15.39 -37.59
CA SER C 43 16.28 14.22 -38.47
C SER C 43 16.54 12.96 -37.66
N THR C 44 15.88 12.88 -36.51
CA THR C 44 16.02 11.71 -35.65
C THR C 44 14.70 10.98 -35.53
N LEU C 45 14.75 9.67 -35.72
CA LEU C 45 13.57 8.82 -35.60
C LEU C 45 13.71 7.98 -34.35
N THR C 46 12.78 8.13 -33.42
CA THR C 46 12.84 7.35 -32.19
C THR C 46 11.88 6.17 -32.25
N ILE C 47 12.46 4.98 -32.12
CA ILE C 47 11.69 3.74 -32.14
C ILE C 47 11.31 3.30 -30.71
N SER C 48 10.06 2.88 -30.57
CA SER C 48 9.54 2.39 -29.30
C SER C 48 8.89 1.03 -29.53
N ALA C 49 9.13 0.14 -28.59
CA ALA C 49 8.58 -1.20 -28.62
C ALA C 49 7.46 -1.22 -27.58
N ASP C 50 6.22 -1.35 -28.03
CA ASP C 50 5.08 -1.35 -27.11
C ASP C 50 5.10 -0.10 -26.21
N SER C 51 5.30 1.05 -26.85
CA SER C 51 5.34 2.37 -26.21
C SER C 51 6.58 2.68 -25.37
N LYS C 52 7.55 1.76 -25.35
CA LYS C 52 8.75 2.00 -24.58
C LYS C 52 9.91 2.29 -25.52
N LYS C 53 10.58 3.42 -25.30
CA LYS C 53 11.71 3.81 -26.14
C LYS C 53 12.79 2.75 -26.13
N THR C 54 13.42 2.54 -27.29
CA THR C 54 14.48 1.54 -27.42
C THR C 54 15.71 2.02 -28.19
N LYS C 55 15.49 2.64 -29.35
CA LYS C 55 16.59 3.12 -30.19
C LYS C 55 16.30 4.42 -30.92
N ASP C 56 17.35 5.18 -31.19
CA ASP C 56 17.28 6.44 -31.92
C ASP C 56 17.93 6.26 -33.30
N LEU C 57 17.27 6.72 -34.35
CA LEU C 57 17.83 6.63 -35.69
C LEU C 57 17.93 8.03 -36.29
N VAL C 58 19.17 8.47 -36.47
CA VAL C 58 19.44 9.80 -37.03
C VAL C 58 19.84 9.73 -38.50
N PHE C 59 18.94 10.19 -39.37
CA PHE C 59 19.18 10.20 -40.80
C PHE C 59 19.68 11.58 -41.23
N LEU C 60 20.99 11.81 -41.11
CA LEU C 60 21.58 13.09 -41.48
C LEU C 60 21.69 13.31 -42.99
N THR C 61 22.13 14.52 -43.36
CA THR C 61 22.27 14.89 -44.77
C THR C 61 23.48 14.22 -45.40
N ASP C 62 24.52 14.02 -44.60
CA ASP C 62 25.74 13.38 -45.04
C ASP C 62 25.43 12.09 -45.78
N GLY C 63 24.19 11.63 -45.65
CA GLY C 63 23.77 10.40 -46.30
C GLY C 63 23.79 9.22 -45.35
N THR C 64 24.71 9.26 -44.39
CA THR C 64 24.85 8.18 -43.41
C THR C 64 23.73 8.10 -42.38
N ILE C 65 23.73 7.02 -41.60
CA ILE C 65 22.74 6.79 -40.55
C ILE C 65 23.40 6.26 -39.29
N THR C 66 22.89 6.68 -38.13
CA THR C 66 23.41 6.24 -36.85
C THR C 66 22.32 5.64 -35.98
N VAL C 67 22.73 4.80 -35.03
CA VAL C 67 21.78 4.17 -34.12
C VAL C 67 22.37 4.09 -32.71
N GLN C 68 21.55 4.44 -31.73
CA GLN C 68 21.97 4.42 -30.32
C GLN C 68 20.80 3.90 -29.47
N GLN C 69 21.13 3.08 -28.48
CA GLN C 69 20.12 2.49 -27.61
C GLN C 69 19.90 3.20 -26.29
N TYR C 70 18.67 3.10 -25.80
CA TYR C 70 18.26 3.69 -24.53
C TYR C 70 18.61 2.73 -23.40
N ASN C 71 18.69 3.24 -22.18
CA ASN C 71 18.96 2.39 -21.03
C ASN C 71 17.77 1.44 -20.86
N THR C 72 17.87 0.47 -19.95
CA THR C 72 16.78 -0.48 -19.76
C THR C 72 15.49 0.19 -19.34
N ALA C 73 15.61 1.31 -18.63
CA ALA C 73 14.44 2.08 -18.15
C ALA C 73 13.72 2.75 -19.31
N GLY C 74 14.43 2.92 -20.43
CA GLY C 74 13.84 3.52 -21.61
C GLY C 74 13.65 5.01 -21.55
N THR C 75 14.49 5.68 -20.77
CA THR C 75 14.37 7.13 -20.63
C THR C 75 15.50 7.93 -21.29
N SER C 76 16.72 7.38 -21.30
CA SER C 76 17.83 8.12 -21.87
C SER C 76 18.76 7.27 -22.73
N LEU C 77 19.53 7.93 -23.59
CA LEU C 77 20.46 7.27 -24.50
C LEU C 77 21.70 6.74 -23.79
N GLU C 78 22.20 5.60 -24.26
CA GLU C 78 23.39 4.98 -23.67
C GLU C 78 24.60 4.96 -24.59
N GLY C 79 25.76 4.67 -24.01
CA GLY C 79 27.00 4.61 -24.77
C GLY C 79 27.13 5.68 -25.83
N SER C 80 27.55 5.28 -27.03
CA SER C 80 27.72 6.20 -28.13
C SER C 80 27.06 5.69 -29.39
N ALA C 81 26.59 6.61 -30.24
CA ALA C 81 25.93 6.24 -31.48
C ALA C 81 26.90 5.55 -32.42
N SER C 82 26.37 4.65 -33.24
CA SER C 82 27.18 3.90 -34.21
C SER C 82 26.64 4.18 -35.61
N GLU C 83 27.47 3.90 -36.62
CA GLU C 83 27.07 4.14 -38.01
C GLU C 83 26.62 2.85 -38.67
N ILE C 84 25.49 2.91 -39.36
CA ILE C 84 24.96 1.73 -40.04
C ILE C 84 25.76 1.53 -41.32
N LYS C 85 26.24 0.31 -41.53
CA LYS C 85 27.03 -0.03 -42.71
C LYS C 85 26.15 -0.49 -43.88
N ASN C 86 25.67 -1.72 -43.78
CA ASN C 86 24.83 -2.32 -44.81
C ASN C 86 23.42 -2.57 -44.31
N LEU C 87 22.53 -2.92 -45.24
CA LEU C 87 21.13 -3.18 -44.91
C LEU C 87 20.94 -4.51 -44.16
N SER C 88 22.05 -5.16 -43.85
CA SER C 88 21.99 -6.42 -43.11
C SER C 88 22.17 -6.06 -41.64
N GLU C 89 22.81 -4.92 -41.43
CA GLU C 89 23.07 -4.39 -40.10
C GLU C 89 21.99 -3.36 -39.78
N LEU C 90 21.18 -3.04 -40.79
CA LEU C 90 20.10 -2.07 -40.64
C LEU C 90 18.78 -2.78 -40.40
N LYS C 91 18.68 -4.04 -40.85
CA LYS C 91 17.46 -4.79 -40.66
C LYS C 91 17.34 -5.27 -39.21
N ASN C 92 18.45 -5.28 -38.49
CA ASN C 92 18.45 -5.69 -37.08
C ASN C 92 17.77 -4.62 -36.22
N ALA C 93 18.05 -3.37 -36.55
CA ALA C 93 17.49 -2.24 -35.82
C ALA C 93 15.97 -2.24 -35.84
N LEU C 94 15.39 -3.03 -36.73
CA LEU C 94 13.93 -3.09 -36.86
C LEU C 94 13.34 -4.35 -36.24
N LYS C 95 14.17 -5.11 -35.53
CA LYS C 95 13.70 -6.33 -34.88
C LYS C 95 13.38 -6.04 -33.42
N UNK D 1 14.04 -7.70 -47.25
CA UNK D 1 13.36 -7.12 -48.44
C UNK D 1 13.60 -5.63 -48.53
N UNK D 2 14.01 -5.16 -49.72
CA UNK D 2 14.28 -3.75 -49.94
C UNK D 2 13.70 -3.32 -51.29
N UNK D 3 13.00 -2.19 -51.30
CA UNK D 3 12.40 -1.66 -52.51
C UNK D 3 12.72 -0.18 -52.66
N UNK D 4 13.22 0.21 -53.83
CA UNK D 4 13.56 1.60 -54.08
C UNK D 4 12.92 2.10 -55.37
N UNK D 5 12.42 3.33 -55.36
CA UNK D 5 11.78 3.92 -56.52
C UNK D 5 11.64 5.44 -56.37
#